data_8PGT
#
_entry.id   8PGT
#
_cell.length_a   39.490
_cell.length_b   68.010
_cell.length_c   40.300
_cell.angle_alpha   90.000
_cell.angle_beta   93.750
_cell.angle_gamma   90.000
#
_symmetry.space_group_name_H-M   'P 1 21 1'
#
loop_
_entity.id
_entity.type
_entity.pdbx_description
1 polymer 'Beta-lactamase VIM-1'
2 non-polymer 'ZINC ION'
3 non-polymer '7-[(1~{S})-1-[2-(aminomethyl)-6-oxidanylidene-5-oxa-7-azaspiro[3.4]octan-7-yl]ethyl]-3-(5-oxidanylpyridin-3-yl)-1~{H}-indole-2-carboxylic acid'
4 water water
#
_entity_poly.entity_id   1
_entity_poly.type   'polypeptide(L)'
_entity_poly.pdbx_seq_one_letter_code
;MLKVISSLLVYMTASVMAVASPLAHSGEPSGEYPTVNEIPVGEVRLYQIADGVWSHIATQSFDGAVYPSNGLIVRDGDEL
LLIDTAWGAKNTAALLAEIEKQIGLPVTRAVSTHFHDDRVGGVDVLRAAGVATYASPSTRRLAEAEGNEIPTHSLEGLSS
SGDAVRFGPVELFYPGAAHSTDNLVVYVPSANVLYGGCAVHELSSTSAGNVADADLAEWPTSVERIQKHYPEAEVVIPGH
GLPGGLDLLQHTANVVKAHKNRSVAE
;
_entity_poly.pdbx_strand_id   A
#
loop_
_chem_comp.id
_chem_comp.type
_chem_comp.name
_chem_comp.formula
YKZ non-polymer '7-[(1~{S})-1-[2-(aminomethyl)-6-oxidanylidene-5-oxa-7-azaspiro[3.4]octan-7-yl]ethyl]-3-(5-oxidanylpyridin-3-yl)-1~{H}-indole-2-carboxylic acid' 'C23 H24 N4 O5'
ZN non-polymer 'ZINC ION' 'Zn 2'
#
# COMPACT_ATOMS: atom_id res chain seq x y z
N SER A 30 19.19 -5.90 -9.92
CA SER A 30 20.10 -4.97 -10.63
C SER A 30 19.27 -3.94 -11.49
N GLY A 31 18.27 -3.34 -10.88
CA GLY A 31 17.51 -2.28 -11.50
C GLY A 31 16.10 -2.62 -11.93
N GLU A 32 15.77 -3.87 -12.16
CA GLU A 32 14.39 -4.23 -12.47
C GLU A 32 13.53 -4.22 -11.23
N TYR A 33 12.20 -4.14 -11.38
CA TYR A 33 11.35 -4.11 -10.18
C TYR A 33 11.45 -5.48 -9.51
N PRO A 34 11.70 -5.54 -8.20
CA PRO A 34 11.96 -6.85 -7.60
C PRO A 34 10.73 -7.66 -7.44
N THR A 35 10.87 -8.99 -7.71
N THR A 35 11.05 -8.91 -7.26
CA THR A 35 9.73 -9.93 -7.78
CA THR A 35 10.09 -9.93 -7.04
C THR A 35 9.76 -11.01 -6.70
C THR A 35 10.62 -10.83 -5.95
N VAL A 36 8.66 -11.80 -6.56
N VAL A 36 9.75 -11.75 -5.56
CA VAL A 36 8.44 -12.65 -5.38
CA VAL A 36 10.10 -12.77 -4.59
C VAL A 36 9.60 -13.62 -5.18
C VAL A 36 11.39 -13.47 -4.94
N ASN A 37 10.01 -14.32 -6.24
N ASN A 37 11.71 -13.59 -6.21
CA ASN A 37 11.08 -15.30 -6.07
CA ASN A 37 12.92 -14.31 -6.58
C ASN A 37 12.44 -14.66 -5.91
C ASN A 37 14.19 -13.52 -6.33
N GLU A 38 12.52 -13.33 -6.04
N GLU A 38 14.12 -12.21 -6.08
CA GLU A 38 13.79 -12.62 -5.92
CA GLU A 38 15.32 -11.38 -5.94
C GLU A 38 14.01 -12.04 -4.53
C GLU A 38 15.42 -10.65 -4.61
N ILE A 39 13.02 -12.12 -3.65
N ILE A 39 14.59 -11.00 -3.64
CA ILE A 39 13.12 -11.53 -2.30
CA ILE A 39 14.64 -10.48 -2.29
C ILE A 39 12.83 -12.63 -1.27
C ILE A 39 15.17 -11.63 -1.43
N PRO A 40 13.81 -13.11 -0.52
N PRO A 40 16.37 -11.53 -0.84
CA PRO A 40 13.51 -14.08 0.53
CA PRO A 40 16.82 -12.61 0.04
C PRO A 40 12.63 -13.44 1.59
C PRO A 40 15.85 -12.80 1.19
N VAL A 41 11.77 -14.25 2.20
N VAL A 41 15.87 -14.03 1.73
CA VAL A 41 10.95 -13.73 3.28
CA VAL A 41 14.96 -14.41 2.80
C VAL A 41 11.86 -13.24 4.41
C VAL A 41 15.01 -13.41 3.95
N GLY A 42 11.62 -12.02 4.84
N GLY A 42 13.84 -12.92 4.34
CA GLY A 42 12.45 -11.34 5.83
CA GLY A 42 13.66 -12.01 5.46
C GLY A 42 13.37 -10.25 5.31
C GLY A 42 14.08 -10.59 5.19
N GLU A 43 13.58 -10.17 4.01
N GLU A 43 14.25 -10.24 3.92
CA GLU A 43 14.41 -9.12 3.41
CA GLU A 43 14.78 -8.92 3.58
C GLU A 43 13.53 -8.07 2.80
C GLU A 43 13.71 -8.11 2.84
N VAL A 44 14.06 -6.84 2.64
CA VAL A 44 13.26 -5.81 2.03
C VAL A 44 14.11 -5.11 0.99
N ARG A 45 13.46 -4.78 -0.13
N ARG A 45 13.49 -4.77 -0.14
CA ARG A 45 14.04 -4.01 -1.22
CA ARG A 45 14.17 -3.97 -1.14
C ARG A 45 13.33 -2.67 -1.32
C ARG A 45 13.36 -2.71 -1.39
N LEU A 46 14.07 -1.64 -1.72
CA LEU A 46 13.48 -0.36 -2.13
C LEU A 46 13.65 -0.18 -3.63
N TYR A 47 12.75 0.57 -4.23
CA TYR A 47 12.80 0.88 -5.66
C TYR A 47 12.49 2.35 -5.84
N GLN A 48 13.37 3.07 -6.51
CA GLN A 48 13.12 4.49 -6.74
C GLN A 48 12.08 4.68 -7.80
N ILE A 49 10.98 5.35 -7.45
CA ILE A 49 9.89 5.62 -8.36
C ILE A 49 10.02 6.96 -9.03
N ALA A 50 10.39 7.99 -8.27
CA ALA A 50 10.51 9.37 -8.73
C ALA A 50 11.39 10.08 -7.73
N ASP A 51 11.70 11.34 -7.98
CA ASP A 51 12.44 12.11 -6.99
CA ASP A 51 12.45 12.10 -7.00
C ASP A 51 11.69 12.14 -5.67
N GLY A 52 12.32 11.65 -4.62
CA GLY A 52 11.72 11.65 -3.31
C GLY A 52 10.59 10.65 -3.11
N VAL A 53 10.45 9.65 -4.00
CA VAL A 53 9.43 8.63 -3.89
C VAL A 53 10.05 7.28 -4.15
N TRP A 54 9.87 6.34 -3.21
CA TRP A 54 10.33 4.95 -3.37
C TRP A 54 9.14 4.04 -3.08
N SER A 55 9.13 2.86 -3.69
CA SER A 55 8.34 1.78 -3.13
C SER A 55 9.24 0.88 -2.29
N HIS A 56 8.62 0.16 -1.36
CA HIS A 56 9.27 -0.90 -0.63
C HIS A 56 8.59 -2.22 -0.96
N ILE A 57 9.38 -3.28 -1.07
CA ILE A 57 8.90 -4.58 -1.50
C ILE A 57 9.42 -5.61 -0.51
N ALA A 58 8.51 -6.47 -0.03
CA ALA A 58 8.86 -7.54 0.88
C ALA A 58 8.04 -8.76 0.52
N THR A 59 8.37 -9.91 1.13
CA THR A 59 7.64 -11.12 0.82
C THR A 59 7.17 -11.73 2.13
N GLN A 60 6.06 -12.45 2.08
CA GLN A 60 5.53 -13.09 3.26
C GLN A 60 4.77 -14.35 2.86
N SER A 61 4.72 -15.31 3.79
N SER A 61 4.73 -15.31 3.77
CA SER A 61 3.96 -16.54 3.67
CA SER A 61 3.93 -16.50 3.56
C SER A 61 2.58 -16.33 4.28
C SER A 61 2.59 -16.37 4.27
N PHE A 62 1.56 -16.86 3.62
CA PHE A 62 0.19 -16.79 4.13
C PHE A 62 -0.53 -18.02 3.61
N ASP A 63 -1.08 -18.83 4.51
CA ASP A 63 -1.80 -20.03 4.13
C ASP A 63 -0.97 -20.92 3.19
N GLY A 64 0.34 -20.97 3.46
CA GLY A 64 1.18 -21.89 2.70
C GLY A 64 1.60 -21.46 1.31
N ALA A 65 1.44 -20.21 0.98
CA ALA A 65 1.97 -19.65 -0.28
C ALA A 65 2.72 -18.36 0.03
N VAL A 66 3.66 -18.01 -0.84
CA VAL A 66 4.47 -16.82 -0.65
C VAL A 66 4.03 -15.76 -1.63
N TYR A 67 3.94 -14.53 -1.14
CA TYR A 67 3.47 -13.40 -1.92
C TYR A 67 4.39 -12.22 -1.71
N PRO A 68 4.59 -11.40 -2.75
CA PRO A 68 5.21 -10.09 -2.57
C PRO A 68 4.15 -9.08 -2.14
N SER A 69 4.64 -7.94 -1.64
N SER A 69 4.61 -7.97 -1.56
CA SER A 69 3.77 -6.85 -1.25
CA SER A 69 3.72 -6.84 -1.34
C SER A 69 4.55 -5.54 -1.32
C SER A 69 4.51 -5.55 -1.33
N ASN A 70 3.85 -4.48 -1.73
CA ASN A 70 4.42 -3.13 -1.83
C ASN A 70 3.96 -2.20 -0.72
N GLY A 71 4.78 -1.22 -0.45
CA GLY A 71 4.38 0.02 0.24
C GLY A 71 5.10 1.19 -0.39
N LEU A 72 5.00 2.35 0.21
CA LEU A 72 5.54 3.58 -0.33
C LEU A 72 6.36 4.33 0.72
N ILE A 73 7.35 5.09 0.26
CA ILE A 73 8.13 6.00 1.09
C ILE A 73 8.17 7.32 0.35
N VAL A 74 7.86 8.41 1.05
CA VAL A 74 7.83 9.73 0.43
C VAL A 74 8.65 10.69 1.27
N ARG A 75 9.62 11.34 0.64
N ARG A 75 9.59 11.36 0.64
CA ARG A 75 10.41 12.35 1.32
CA ARG A 75 10.41 12.34 1.33
C ARG A 75 9.53 13.51 1.74
C ARG A 75 9.59 13.55 1.71
N ASP A 76 9.75 13.96 2.97
CA ASP A 76 8.92 15.00 3.70
C ASP A 76 9.98 15.93 4.32
N GLY A 77 10.63 16.72 3.46
CA GLY A 77 11.74 17.57 3.88
C GLY A 77 12.97 16.77 4.30
N ASP A 78 13.37 16.83 5.57
CA ASP A 78 14.44 15.99 6.06
C ASP A 78 13.92 14.80 6.86
N GLU A 79 12.65 14.45 6.69
CA GLU A 79 12.03 13.27 7.29
C GLU A 79 11.38 12.46 6.15
N LEU A 80 10.87 11.28 6.52
CA LEU A 80 10.17 10.38 5.59
C LEU A 80 8.79 10.05 6.13
N LEU A 81 7.85 10.00 5.21
CA LEU A 81 6.51 9.45 5.42
C LEU A 81 6.46 8.04 4.85
N LEU A 82 6.06 7.07 5.65
CA LEU A 82 5.90 5.68 5.22
C LEU A 82 4.43 5.39 4.96
N ILE A 83 4.14 4.70 3.86
CA ILE A 83 2.82 4.19 3.55
C ILE A 83 2.90 2.67 3.60
N ASP A 84 2.21 2.08 4.58
CA ASP A 84 2.07 0.64 4.80
C ASP A 84 3.32 0.00 5.36
N THR A 85 3.10 -1.00 6.20
CA THR A 85 4.16 -1.84 6.70
C THR A 85 4.66 -2.79 5.63
N ALA A 86 5.70 -3.57 5.99
CA ALA A 86 6.24 -4.58 5.08
C ALA A 86 5.69 -5.98 5.38
N TRP A 87 4.49 -6.08 5.92
CA TRP A 87 3.80 -7.36 6.12
C TRP A 87 4.52 -8.21 7.15
N GLY A 88 4.52 -7.73 8.39
CA GLY A 88 5.05 -8.47 9.51
C GLY A 88 6.06 -7.68 10.28
N ALA A 89 6.22 -8.07 11.55
CA ALA A 89 7.15 -7.40 12.46
C ALA A 89 8.59 -7.51 12.00
N LYS A 90 9.06 -8.72 11.70
N LYS A 90 9.07 -8.71 11.68
CA LYS A 90 10.44 -8.89 11.25
CA LYS A 90 10.46 -8.83 11.26
C LYS A 90 10.68 -8.17 9.93
C LYS A 90 10.71 -8.19 9.91
N ASN A 91 9.76 -8.32 8.97
CA ASN A 91 9.89 -7.60 7.72
C ASN A 91 9.97 -6.09 7.93
N THR A 92 9.17 -5.57 8.85
CA THR A 92 9.10 -4.13 9.07
C THR A 92 10.35 -3.63 9.77
N ALA A 93 10.93 -4.41 10.67
CA ALA A 93 12.26 -4.05 11.19
C ALA A 93 13.30 -4.01 10.07
N ALA A 94 13.25 -5.00 9.18
CA ALA A 94 14.16 -5.02 8.05
C ALA A 94 13.94 -3.83 7.13
N LEU A 95 12.68 -3.40 6.98
CA LEU A 95 12.37 -2.20 6.21
C LEU A 95 13.06 -0.98 6.80
N LEU A 96 12.91 -0.77 8.09
CA LEU A 96 13.56 0.37 8.73
C LEU A 96 15.07 0.34 8.52
N ALA A 97 15.67 -0.85 8.61
CA ALA A 97 17.11 -0.97 8.41
C ALA A 97 17.48 -0.63 6.96
N GLU A 98 16.69 -1.11 6.00
CA GLU A 98 16.95 -0.82 4.59
C GLU A 98 16.82 0.67 4.28
N ILE A 99 15.83 1.33 4.89
CA ILE A 99 15.69 2.77 4.72
C ILE A 99 16.91 3.51 5.26
N GLU A 100 17.39 3.10 6.44
CA GLU A 100 18.56 3.75 7.01
C GLU A 100 19.78 3.59 6.12
N LYS A 101 19.96 2.40 5.54
CA LYS A 101 21.04 2.12 4.61
C LYS A 101 20.97 2.92 3.33
N GLN A 102 19.80 2.96 2.70
CA GLN A 102 19.64 3.47 1.36
C GLN A 102 19.31 4.95 1.31
N ILE A 103 18.65 5.47 2.33
CA ILE A 103 18.12 6.84 2.33
C ILE A 103 18.71 7.67 3.46
N GLY A 104 18.71 7.13 4.67
CA GLY A 104 19.36 7.78 5.81
C GLY A 104 18.62 8.93 6.44
N LEU A 105 17.33 9.04 6.20
CA LEU A 105 16.49 10.02 6.85
C LEU A 105 15.51 9.30 7.74
N PRO A 106 15.07 9.92 8.82
CA PRO A 106 14.21 9.23 9.77
C PRO A 106 12.77 9.13 9.31
N VAL A 107 12.19 7.95 9.51
CA VAL A 107 10.75 7.78 9.29
C VAL A 107 10.02 8.33 10.49
N THR A 108 9.19 9.35 10.30
CA THR A 108 8.54 9.97 11.46
C THR A 108 7.07 9.63 11.55
N ARG A 109 6.42 9.30 10.43
CA ARG A 109 4.99 9.03 10.39
C ARG A 109 4.78 7.90 9.42
N ALA A 110 3.72 7.10 9.70
CA ALA A 110 3.25 6.06 8.79
C ALA A 110 1.75 6.07 8.70
N VAL A 111 1.24 5.77 7.51
CA VAL A 111 -0.17 5.62 7.25
C VAL A 111 -0.39 4.20 6.74
N SER A 112 -1.39 3.50 7.29
CA SER A 112 -1.80 2.20 6.79
C SER A 112 -3.06 2.36 5.99
N THR A 113 -3.08 1.78 4.79
CA THR A 113 -4.13 2.05 3.83
C THR A 113 -5.33 1.08 3.89
N HIS A 114 -5.23 -0.02 4.65
CA HIS A 114 -6.39 -0.78 5.11
C HIS A 114 -5.94 -1.65 6.26
N PHE A 115 -6.86 -2.48 6.78
CA PHE A 115 -6.67 -3.14 8.07
C PHE A 115 -5.95 -4.47 8.01
N HIS A 116 -5.64 -5.01 6.84
CA HIS A 116 -5.03 -6.33 6.72
C HIS A 116 -3.56 -6.32 7.13
N ASP A 117 -3.02 -7.51 7.40
CA ASP A 117 -1.68 -7.64 7.95
C ASP A 117 -0.57 -7.16 7.02
N ASP A 118 -0.81 -7.15 5.69
CA ASP A 118 0.16 -6.59 4.76
C ASP A 118 0.22 -5.07 4.81
N ARG A 119 -0.64 -4.44 5.60
CA ARG A 119 -0.69 -3.00 5.74
C ARG A 119 -0.41 -2.53 7.17
N VAL A 120 -0.84 -3.30 8.18
CA VAL A 120 -0.66 -2.94 9.58
C VAL A 120 0.27 -3.88 10.32
N GLY A 121 0.63 -5.06 9.76
CA GLY A 121 1.51 -5.96 10.52
C GLY A 121 2.90 -5.40 10.54
N GLY A 122 3.39 -5.00 11.70
CA GLY A 122 4.59 -4.21 11.80
C GLY A 122 4.34 -2.86 12.44
N VAL A 123 3.08 -2.45 12.64
CA VAL A 123 2.79 -1.21 13.32
C VAL A 123 3.38 -1.16 14.72
N ASP A 124 3.38 -2.28 15.45
CA ASP A 124 3.96 -2.27 16.78
C ASP A 124 5.47 -1.99 16.72
N VAL A 125 6.17 -2.60 15.76
CA VAL A 125 7.59 -2.31 15.50
C VAL A 125 7.77 -0.83 15.23
N LEU A 126 6.96 -0.26 14.33
CA LEU A 126 7.08 1.16 14.00
C LEU A 126 6.91 2.01 15.26
N ARG A 127 5.86 1.71 16.02
N ARG A 127 5.87 1.74 16.01
CA ARG A 127 5.51 2.51 17.19
CA ARG A 127 5.57 2.59 17.16
C ARG A 127 6.61 2.49 18.25
C ARG A 127 6.71 2.55 18.17
N ALA A 128 7.32 1.38 18.38
CA ALA A 128 8.48 1.27 19.27
C ALA A 128 9.77 1.85 18.69
N ALA A 129 9.82 2.20 17.43
CA ALA A 129 10.93 2.85 16.79
C ALA A 129 10.71 4.35 16.63
N GLY A 130 9.71 4.92 17.30
CA GLY A 130 9.48 6.34 17.28
C GLY A 130 8.57 6.84 16.19
N VAL A 131 8.00 5.96 15.39
CA VAL A 131 7.18 6.36 14.27
C VAL A 131 5.75 6.55 14.77
N ALA A 132 5.14 7.68 14.45
CA ALA A 132 3.72 7.90 14.73
C ALA A 132 2.89 7.22 13.64
N THR A 133 1.96 6.33 14.05
CA THR A 133 1.20 5.50 13.11
C THR A 133 -0.23 6.00 13.03
N TYR A 134 -0.74 6.04 11.82
CA TYR A 134 -2.05 6.61 11.51
C TYR A 134 -2.85 5.67 10.61
N ALA A 135 -4.18 5.74 10.73
CA ALA A 135 -5.10 5.07 9.81
C ALA A 135 -6.48 5.68 10.00
N SER A 136 -7.38 5.45 9.08
CA SER A 136 -8.75 5.92 9.27
C SER A 136 -9.37 5.27 10.50
N PRO A 137 -10.43 5.86 11.06
CA PRO A 137 -11.13 5.17 12.14
C PRO A 137 -11.70 3.87 11.69
N SER A 138 -12.16 3.77 10.45
N SER A 138 -12.18 3.77 10.45
CA SER A 138 -12.67 2.49 9.96
CA SER A 138 -12.67 2.48 9.96
C SER A 138 -11.60 1.41 9.96
C SER A 138 -11.58 1.42 10.01
N THR A 139 -10.39 1.74 9.49
CA THR A 139 -9.30 0.79 9.52
C THR A 139 -8.96 0.40 10.94
N ARG A 140 -8.90 1.36 11.86
CA ARG A 140 -8.58 1.05 13.24
C ARG A 140 -9.59 0.11 13.85
N ARG A 141 -10.89 0.34 13.62
CA ARG A 141 -11.92 -0.54 14.16
C ARG A 141 -11.78 -1.94 13.61
N LEU A 142 -11.56 -2.06 12.30
CA LEU A 142 -11.46 -3.38 11.66
C LEU A 142 -10.25 -4.12 12.15
N ALA A 143 -9.12 -3.42 12.25
CA ALA A 143 -7.92 -4.06 12.75
C ALA A 143 -8.13 -4.59 14.16
N GLU A 144 -8.72 -3.76 15.02
CA GLU A 144 -8.98 -4.16 16.40
C GLU A 144 -9.89 -5.38 16.46
N ALA A 145 -10.97 -5.34 15.69
CA ALA A 145 -11.94 -6.41 15.73
C ALA A 145 -11.34 -7.71 15.30
N GLU A 146 -10.46 -7.70 14.31
N GLU A 146 -10.44 -7.69 14.31
CA GLU A 146 -9.90 -8.91 13.73
CA GLU A 146 -9.89 -8.90 13.72
C GLU A 146 -8.58 -9.37 14.35
C GLU A 146 -8.60 -9.39 14.38
N GLY A 147 -8.04 -8.62 15.31
CA GLY A 147 -6.82 -9.03 15.98
C GLY A 147 -5.54 -8.66 15.27
N ASN A 148 -5.59 -7.64 14.41
CA ASN A 148 -4.40 -7.13 13.74
C ASN A 148 -3.84 -5.97 14.55
N GLU A 149 -2.62 -5.56 14.24
CA GLU A 149 -2.01 -4.45 14.94
C GLU A 149 -2.74 -3.15 14.59
N ILE A 150 -2.75 -2.24 15.55
CA ILE A 150 -3.67 -1.10 15.49
C ILE A 150 -2.87 0.21 15.44
N PRO A 151 -2.94 0.96 14.34
CA PRO A 151 -2.32 2.30 14.33
C PRO A 151 -2.84 3.17 15.46
N THR A 152 -1.98 4.07 15.92
CA THR A 152 -2.30 4.92 17.08
C THR A 152 -3.34 5.99 16.80
N HIS A 153 -3.22 6.69 15.67
CA HIS A 153 -3.91 7.94 15.42
C HIS A 153 -4.95 7.78 14.34
N SER A 154 -6.11 8.36 14.53
CA SER A 154 -7.21 8.30 13.59
C SER A 154 -7.12 9.44 12.59
N LEU A 155 -7.36 9.13 11.33
CA LEU A 155 -7.42 10.07 10.22
C LEU A 155 -8.88 10.36 9.89
N GLU A 156 -9.36 11.48 10.40
CA GLU A 156 -10.73 11.95 10.15
C GLU A 156 -10.79 12.58 8.74
N GLY A 157 -12.00 12.87 8.27
CA GLY A 157 -12.16 13.50 6.99
C GLY A 157 -12.12 12.61 5.80
N LEU A 158 -12.20 11.27 6.01
CA LEU A 158 -12.11 10.27 4.97
C LEU A 158 -13.28 9.31 4.95
N SER A 159 -14.37 9.62 5.63
CA SER A 159 -15.40 8.60 5.80
C SER A 159 -16.38 8.49 4.66
N SER A 160 -16.45 9.46 3.75
N SER A 160 -16.42 9.45 3.76
CA SER A 160 -17.36 9.37 2.61
CA SER A 160 -17.33 9.47 2.62
C SER A 160 -16.57 9.19 1.31
C SER A 160 -16.56 9.26 1.32
N SER A 161 -17.06 8.34 0.41
N SER A 161 -17.10 8.44 0.43
CA SER A 161 -16.36 8.15 -0.86
CA SER A 161 -16.46 8.19 -0.86
C SER A 161 -16.18 9.50 -1.58
C SER A 161 -16.20 9.52 -1.59
N GLY A 162 -15.00 9.67 -2.12
CA GLY A 162 -14.58 10.92 -2.74
C GLY A 162 -13.87 11.87 -1.81
N ASP A 163 -13.81 11.59 -0.52
CA ASP A 163 -13.13 12.46 0.42
C ASP A 163 -11.63 12.40 0.21
N ALA A 164 -10.98 13.52 0.49
CA ALA A 164 -9.55 13.64 0.41
C ALA A 164 -9.03 14.56 1.48
N VAL A 165 -7.85 14.26 1.99
CA VAL A 165 -7.17 15.09 2.99
C VAL A 165 -5.68 15.12 2.68
N ARG A 166 -5.01 16.19 3.07
CA ARG A 166 -3.59 16.27 2.94
C ARG A 166 -2.90 15.69 4.17
N PHE A 167 -1.75 15.04 3.91
CA PHE A 167 -0.95 14.44 4.96
C PHE A 167 0.51 14.56 4.55
N GLY A 168 1.20 15.57 5.03
CA GLY A 168 2.55 15.83 4.59
C GLY A 168 2.59 15.97 3.08
N PRO A 169 3.52 15.27 2.41
CA PRO A 169 3.70 15.43 0.98
C PRO A 169 2.72 14.62 0.14
N VAL A 170 1.67 14.05 0.73
CA VAL A 170 0.70 13.26 -0.04
C VAL A 170 -0.72 13.77 0.19
N GLU A 171 -1.60 13.33 -0.71
CA GLU A 171 -3.04 13.40 -0.51
C GLU A 171 -3.53 11.98 -0.28
N LEU A 172 -4.38 11.82 0.73
CA LEU A 172 -5.07 10.56 1.00
C LEU A 172 -6.49 10.69 0.44
N PHE A 173 -6.96 9.62 -0.19
CA PHE A 173 -8.25 9.65 -0.88
C PHE A 173 -9.00 8.37 -0.55
N TYR A 174 -10.27 8.49 -0.17
CA TYR A 174 -11.10 7.33 0.06
C TYR A 174 -12.01 7.12 -1.12
N PRO A 175 -11.78 6.08 -1.94
CA PRO A 175 -12.54 5.94 -3.19
C PRO A 175 -13.87 5.24 -3.03
N GLY A 176 -14.15 4.67 -1.88
CA GLY A 176 -15.24 3.73 -1.70
C GLY A 176 -14.73 2.31 -1.53
N ALA A 177 -15.65 1.43 -1.21
CA ALA A 177 -15.31 0.03 -0.96
C ALA A 177 -14.78 -0.62 -2.22
N ALA A 178 -13.76 -1.46 -2.06
CA ALA A 178 -13.14 -2.14 -3.21
C ALA A 178 -12.57 -3.45 -2.70
N HIS A 179 -11.24 -3.54 -2.60
CA HIS A 179 -10.60 -4.68 -1.96
C HIS A 179 -11.06 -4.85 -0.52
N SER A 180 -11.30 -3.75 0.15
CA SER A 180 -11.86 -3.75 1.48
C SER A 180 -12.74 -2.53 1.60
N THR A 181 -13.53 -2.45 2.68
N THR A 181 -13.55 -2.49 2.68
CA THR A 181 -14.43 -1.32 2.80
CA THR A 181 -14.46 -1.36 2.86
C THR A 181 -13.70 -0.06 3.21
C THR A 181 -13.71 -0.08 3.23
N ASP A 182 -12.53 -0.21 3.81
CA ASP A 182 -11.74 0.90 4.36
C ASP A 182 -10.60 1.34 3.46
N ASN A 183 -10.35 0.70 2.33
CA ASN A 183 -9.15 1.00 1.56
C ASN A 183 -9.01 2.46 1.18
N LEU A 184 -7.81 2.98 1.39
CA LEU A 184 -7.41 4.32 0.97
C LEU A 184 -6.41 4.24 -0.17
N VAL A 185 -6.33 5.33 -0.91
N VAL A 185 -6.40 5.27 -1.00
CA VAL A 185 -5.39 5.53 -2.01
CA VAL A 185 -5.32 5.44 -1.97
C VAL A 185 -4.57 6.76 -1.66
C VAL A 185 -4.55 6.70 -1.62
N VAL A 186 -3.34 6.81 -2.16
CA VAL A 186 -2.39 7.86 -1.83
C VAL A 186 -1.83 8.45 -3.11
N TYR A 187 -1.86 9.78 -3.23
CA TYR A 187 -1.32 10.48 -4.38
C TYR A 187 -0.18 11.37 -3.93
N VAL A 188 0.91 11.38 -4.70
CA VAL A 188 2.07 12.23 -4.45
C VAL A 188 2.04 13.32 -5.50
N PRO A 189 1.48 14.53 -5.22
CA PRO A 189 1.28 15.52 -6.28
C PRO A 189 2.57 15.99 -6.90
N SER A 190 3.69 16.03 -6.17
CA SER A 190 4.94 16.56 -6.73
C SER A 190 5.43 15.69 -7.88
N ALA A 191 5.04 14.43 -7.87
CA ALA A 191 5.56 13.47 -8.82
C ALA A 191 4.47 12.80 -9.66
N ASN A 192 3.20 13.13 -9.44
CA ASN A 192 2.09 12.46 -10.10
C ASN A 192 2.14 10.93 -9.95
N VAL A 193 2.45 10.49 -8.73
CA VAL A 193 2.49 9.08 -8.39
C VAL A 193 1.22 8.70 -7.66
N LEU A 194 0.51 7.73 -8.17
CA LEU A 194 -0.72 7.19 -7.55
C LEU A 194 -0.41 5.81 -6.96
N TYR A 195 -0.46 5.72 -5.64
CA TYR A 195 -0.31 4.47 -4.93
C TYR A 195 -1.70 3.96 -4.65
N GLY A 196 -2.09 2.92 -5.38
CA GLY A 196 -3.46 2.42 -5.20
C GLY A 196 -3.66 1.46 -4.07
N GLY A 197 -2.57 0.94 -3.52
CA GLY A 197 -2.74 -0.11 -2.52
C GLY A 197 -3.51 -1.29 -3.12
N CYS A 198 -4.17 -2.07 -2.27
CA CYS A 198 -4.71 -3.32 -2.74
C CYS A 198 -6.02 -3.17 -3.54
N ALA A 199 -6.56 -1.95 -3.60
CA ALA A 199 -7.64 -1.65 -4.51
C ALA A 199 -7.23 -1.66 -5.98
N VAL A 200 -5.92 -1.69 -6.25
CA VAL A 200 -5.40 -1.67 -7.61
C VAL A 200 -4.51 -2.88 -7.82
N HIS A 201 -4.71 -3.59 -8.93
N HIS A 201 -4.73 -3.61 -8.92
CA HIS A 201 -3.96 -4.77 -9.30
CA HIS A 201 -3.95 -4.77 -9.31
C HIS A 201 -2.95 -4.47 -10.39
C HIS A 201 -2.96 -4.45 -10.39
N GLU A 202 -1.88 -5.26 -10.41
CA GLU A 202 -0.88 -5.19 -11.47
C GLU A 202 -1.46 -5.71 -12.79
N LEU A 203 -0.81 -5.32 -13.88
CA LEU A 203 -1.30 -5.68 -15.23
C LEU A 203 -1.27 -7.18 -15.48
N SER A 204 -0.35 -7.94 -14.91
CA SER A 204 -0.36 -9.39 -15.11
C SER A 204 -1.43 -10.13 -14.31
N SER A 205 -2.12 -9.45 -13.41
N SER A 205 -2.10 -9.46 -13.39
CA SER A 205 -3.11 -10.11 -12.58
CA SER A 205 -3.08 -10.13 -12.53
C SER A 205 -4.17 -10.78 -13.42
C SER A 205 -4.19 -10.76 -13.36
N THR A 206 -4.59 -11.96 -12.97
CA THR A 206 -5.64 -12.73 -13.60
C THR A 206 -6.86 -12.85 -12.71
N SER A 207 -6.73 -12.41 -11.48
CA SER A 207 -7.79 -12.59 -10.51
C SER A 207 -7.83 -11.31 -9.71
N ALA A 208 -8.87 -11.19 -8.96
CA ALA A 208 -9.03 -10.07 -8.07
C ALA A 208 -8.29 -10.24 -6.77
N GLY A 209 -7.28 -11.13 -6.69
CA GLY A 209 -6.53 -11.26 -5.46
C GLY A 209 -7.29 -11.89 -4.32
N ASN A 210 -6.97 -11.50 -3.10
CA ASN A 210 -7.67 -12.04 -1.95
C ASN A 210 -8.92 -11.20 -1.74
N VAL A 211 -10.07 -11.79 -2.03
CA VAL A 211 -11.34 -11.08 -2.05
C VAL A 211 -12.14 -11.32 -0.78
N ALA A 212 -11.51 -11.87 0.27
CA ALA A 212 -12.25 -12.23 1.48
C ALA A 212 -13.11 -11.09 2.01
N ASP A 213 -12.57 -9.88 2.03
CA ASP A 213 -13.21 -8.71 2.62
C ASP A 213 -13.64 -7.69 1.58
N ALA A 214 -13.70 -8.09 0.32
CA ALA A 214 -13.91 -7.17 -0.77
C ALA A 214 -15.39 -6.90 -1.02
N ASP A 215 -15.69 -5.84 -1.78
CA ASP A 215 -17.01 -5.55 -2.31
C ASP A 215 -16.90 -5.54 -3.84
N LEU A 216 -17.09 -6.71 -4.49
CA LEU A 216 -16.85 -6.81 -5.94
C LEU A 216 -17.82 -5.96 -6.72
N ALA A 217 -19.05 -5.77 -6.19
CA ALA A 217 -20.07 -4.97 -6.86
C ALA A 217 -19.72 -3.50 -6.86
N GLU A 218 -19.15 -2.97 -5.76
CA GLU A 218 -18.79 -1.54 -5.66
C GLU A 218 -17.41 -1.23 -6.22
N TRP A 219 -16.53 -2.22 -6.28
CA TRP A 219 -15.15 -2.01 -6.69
C TRP A 219 -15.01 -1.25 -8.00
N PRO A 220 -15.70 -1.59 -9.10
N PRO A 220 -15.70 -1.59 -9.09
CA PRO A 220 -15.56 -0.81 -10.33
CA PRO A 220 -15.53 -0.79 -10.32
C PRO A 220 -15.94 0.64 -10.15
C PRO A 220 -15.94 0.65 -10.14
N THR A 221 -16.98 0.93 -9.35
CA THR A 221 -17.39 2.30 -9.10
C THR A 221 -16.30 3.05 -8.34
N SER A 222 -15.69 2.40 -7.36
CA SER A 222 -14.58 2.98 -6.62
C SER A 222 -13.37 3.26 -7.51
N VAL A 223 -13.06 2.34 -8.42
CA VAL A 223 -11.97 2.58 -9.37
C VAL A 223 -12.28 3.74 -10.28
N GLU A 224 -13.53 3.83 -10.76
N GLU A 224 -13.52 3.83 -10.75
CA GLU A 224 -13.94 4.97 -11.57
CA GLU A 224 -13.92 4.97 -11.58
C GLU A 224 -13.71 6.28 -10.83
C GLU A 224 -13.70 6.28 -10.83
N ARG A 225 -13.96 6.30 -9.52
CA ARG A 225 -13.71 7.53 -8.75
C ARG A 225 -12.23 7.89 -8.74
N ILE A 226 -11.37 6.87 -8.60
CA ILE A 226 -9.93 7.12 -8.65
C ILE A 226 -9.54 7.68 -10.00
N GLN A 227 -10.01 7.03 -11.09
CA GLN A 227 -9.71 7.48 -12.45
C GLN A 227 -10.12 8.93 -12.66
N LYS A 228 -11.29 9.30 -12.14
CA LYS A 228 -11.76 10.66 -12.31
C LYS A 228 -10.98 11.66 -11.49
N HIS A 229 -10.56 11.26 -10.30
CA HIS A 229 -9.88 12.20 -9.42
C HIS A 229 -8.40 12.40 -9.78
N TYR A 230 -7.75 11.41 -10.37
CA TYR A 230 -6.31 11.47 -10.63
C TYR A 230 -5.98 11.21 -12.11
N PRO A 231 -6.53 12.03 -13.01
CA PRO A 231 -6.32 11.80 -14.46
C PRO A 231 -4.91 12.08 -14.92
N GLU A 232 -4.09 12.75 -14.11
N GLU A 232 -4.09 12.74 -14.11
CA GLU A 232 -2.73 13.07 -14.51
CA GLU A 232 -2.73 13.07 -14.52
C GLU A 232 -1.70 12.14 -13.89
C GLU A 232 -1.70 12.14 -13.88
N ALA A 233 -2.14 11.05 -13.26
CA ALA A 233 -1.18 10.12 -12.68
C ALA A 233 -0.26 9.59 -13.78
N GLU A 234 1.03 9.55 -13.48
CA GLU A 234 2.03 9.03 -14.40
C GLU A 234 2.51 7.64 -14.04
N VAL A 235 2.58 7.32 -12.77
CA VAL A 235 2.94 6.01 -12.26
C VAL A 235 1.79 5.58 -11.35
N VAL A 236 1.36 4.35 -11.49
CA VAL A 236 0.36 3.72 -10.63
C VAL A 236 1.00 2.49 -10.00
N ILE A 237 0.96 2.41 -8.67
CA ILE A 237 1.59 1.34 -7.92
C ILE A 237 0.49 0.50 -7.27
N PRO A 238 0.46 -0.81 -7.55
CA PRO A 238 -0.55 -1.70 -6.93
C PRO A 238 -0.07 -2.14 -5.55
N GLY A 239 -0.98 -2.71 -4.78
CA GLY A 239 -0.59 -3.23 -3.47
C GLY A 239 0.34 -4.42 -3.53
N HIS A 240 0.27 -5.17 -4.62
CA HIS A 240 1.13 -6.34 -4.85
C HIS A 240 1.53 -6.31 -6.32
N GLY A 241 2.81 -6.44 -6.62
CA GLY A 241 3.24 -6.57 -8.01
C GLY A 241 3.79 -5.30 -8.63
N LEU A 242 3.88 -5.30 -9.95
CA LEU A 242 4.67 -4.30 -10.66
C LEU A 242 3.91 -3.00 -10.86
N PRO A 243 4.57 -1.84 -10.66
CA PRO A 243 3.96 -0.56 -11.04
C PRO A 243 3.84 -0.48 -12.57
N GLY A 244 2.97 0.41 -13.01
CA GLY A 244 2.80 0.75 -14.41
C GLY A 244 2.19 2.12 -14.53
N GLY A 245 1.37 2.32 -15.55
CA GLY A 245 0.70 3.56 -15.76
C GLY A 245 -0.77 3.49 -15.41
N LEU A 246 -1.54 4.42 -15.97
CA LEU A 246 -2.96 4.51 -15.69
C LEU A 246 -3.72 3.25 -16.08
N ASP A 247 -3.22 2.46 -17.03
CA ASP A 247 -3.94 1.26 -17.42
C ASP A 247 -4.16 0.29 -16.27
N LEU A 248 -3.36 0.34 -15.20
CA LEU A 248 -3.62 -0.55 -14.09
C LEU A 248 -5.04 -0.33 -13.56
N LEU A 249 -5.55 0.89 -13.60
CA LEU A 249 -6.88 1.13 -13.08
C LEU A 249 -7.94 0.43 -13.91
N GLN A 250 -7.92 0.61 -15.21
CA GLN A 250 -8.92 -0.07 -16.04
C GLN A 250 -8.76 -1.59 -15.96
N HIS A 251 -7.53 -2.07 -15.97
CA HIS A 251 -7.28 -3.50 -15.85
C HIS A 251 -7.90 -4.05 -14.58
N THR A 252 -7.75 -3.33 -13.47
CA THR A 252 -8.33 -3.75 -12.21
C THR A 252 -9.84 -3.86 -12.32
N ALA A 253 -10.48 -2.84 -12.88
CA ALA A 253 -11.92 -2.89 -13.05
C ALA A 253 -12.32 -4.09 -13.88
N ASN A 254 -11.57 -4.38 -14.94
CA ASN A 254 -11.85 -5.50 -15.80
C ASN A 254 -11.75 -6.83 -15.06
N VAL A 255 -10.67 -7.05 -14.32
CA VAL A 255 -10.51 -8.32 -13.64
C VAL A 255 -11.50 -8.52 -12.52
N VAL A 256 -11.86 -7.47 -11.83
CA VAL A 256 -12.85 -7.58 -10.79
C VAL A 256 -14.20 -7.92 -11.37
N LYS A 257 -14.61 -7.26 -12.49
CA LYS A 257 -15.91 -7.55 -13.10
C LYS A 257 -15.95 -8.99 -13.58
N ALA A 258 -14.84 -9.48 -14.11
CA ALA A 258 -14.81 -10.85 -14.62
C ALA A 258 -14.78 -11.85 -13.49
N HIS A 259 -14.13 -11.52 -12.37
CA HIS A 259 -14.13 -12.41 -11.22
C HIS A 259 -15.55 -12.59 -10.72
N LYS A 260 -16.23 -11.47 -10.47
CA LYS A 260 -17.64 -11.48 -10.09
C LYS A 260 -18.48 -12.27 -11.08
N ASN A 261 -18.26 -12.07 -12.38
CA ASN A 261 -19.02 -12.81 -13.39
C ASN A 261 -18.68 -14.31 -13.42
ZN ZN B . -5.97 -6.64 1.98
ZN ZN C . -3.13 -6.73 -0.22
C10 YKZ D . -3.54 -12.80 -3.53
C10 YKZ D . -2.51 -10.64 -4.10
C15 YKZ D . -2.63 -10.62 -3.97
C15 YKZ D . -3.38 -12.80 -3.49
C17 YKZ D . -4.54 -8.75 -2.09
C17 YKZ D . -4.44 -8.72 -2.13
N20 YKZ D . -4.02 -9.83 0.02
N20 YKZ D . -3.93 -9.78 0.00
C21 YKZ D . -3.52 -10.97 0.52
C21 YKZ D . -3.47 -10.94 0.50
C24 YKZ D . -7.18 -11.77 4.21
C24 YKZ D . -7.13 -11.77 4.17
C25 YKZ D . -7.81 -11.22 5.46
C25 YKZ D . -7.76 -11.27 5.46
C26 YKZ D . -8.77 -12.40 5.41
C26 YKZ D . -8.72 -12.45 5.38
O30 YKZ D . -7.52 -11.00 3.05
O30 YKZ D . -7.41 -10.91 3.06
C31 YKZ D . -6.37 -10.33 2.59
C31 YKZ D . -6.29 -10.29 2.56
O32 YKZ D . -6.38 -9.54 1.71
O32 YKZ D . -6.31 -9.53 1.66
C01 YKZ D . -2.91 -10.31 4.20
C01 YKZ D . -2.92 -10.34 4.20
C02 YKZ D . -3.87 -10.36 2.98
C02 YKZ D . -3.84 -10.36 2.98
C03 YKZ D . -3.40 -11.35 1.85
C03 YKZ D . -3.38 -11.34 1.84
C04 YKZ D . -2.84 -12.61 2.10
C04 YKZ D . -2.85 -12.60 2.06
C05 YKZ D . -2.43 -13.45 1.04
C05 YKZ D . -2.44 -13.44 1.01
C06 YKZ D . -2.55 -13.06 -0.27
C06 YKZ D . -2.50 -13.05 -0.30
C07 YKZ D . -3.11 -11.79 -0.55
C07 YKZ D . -3.05 -11.75 -0.59
C08 YKZ D . -3.43 -11.10 -1.74
C08 YKZ D . -3.35 -11.06 -1.79
C09 YKZ D . -3.19 -11.52 -3.08
C09 YKZ D . -3.08 -11.51 -3.12
C12 YKZ D . -2.73 -12.31 -5.68
C12 YKZ D . -2.52 -12.34 -5.70
C13 YKZ D . -2.40 -11.03 -5.29
C13 YKZ D . -3.11 -13.20 -4.83
C16 YKZ D . -3.98 -9.87 -1.31
C16 YKZ D . -3.87 -9.84 -1.33
C23 YKZ D . -5.66 -11.86 4.15
C23 YKZ D . -5.62 -11.89 4.11
C27 YKZ D . -8.98 -13.15 6.69
C27 YKZ D . -8.92 -13.25 6.64
C29 YKZ D . -7.90 -13.10 4.37
C29 YKZ D . -7.92 -13.07 4.24
N11 YKZ D . -3.31 -13.16 -4.82
N11 YKZ D . -2.26 -11.10 -5.33
N22 YKZ D . -5.24 -10.77 3.33
N22 YKZ D . -5.22 -10.73 3.34
N28 YKZ D . -9.96 -14.26 6.48
N28 YKZ D . -10.10 -14.13 6.48
O14 YKZ D . -1.81 -10.07 -6.14
O14 YKZ D . -3.36 -14.50 -5.26
O18 YKZ D . -4.43 -7.56 -1.69
O18 YKZ D . -4.51 -7.55 -1.64
O19 YKZ D . -5.31 -9.05 -3.04
O19 YKZ D . -5.02 -9.05 -3.21
H101 YKZ D . -3.99 -13.51 -2.83
H101 YKZ D . -2.28 -9.59 -3.83
H151 YKZ D . -2.38 -9.65 -3.66
H151 YKZ D . -3.81 -13.47 -2.81
H201 YKZ D . -4.39 -9.03 0.58
H201 YKZ D . -4.29 -8.97 0.55
H252 YKZ D . -8.31 -10.22 5.31
H252 YKZ D . -8.28 -10.26 5.34
H251 YKZ D . -7.10 -11.26 6.37
H251 YKZ D . -7.06 -11.33 6.36
H261 YKZ D . -9.72 -12.08 4.98
H261 YKZ D . -9.69 -12.12 5.00
H013 YKZ D . -1.90 -9.99 3.86
H013 YKZ D . -1.88 -10.05 3.88
H011 YKZ D . -2.86 -11.32 4.68
H011 YKZ D . -2.88 -11.36 4.67
H012 YKZ D . -3.30 -9.56 4.95
H012 YKZ D . -3.30 -9.60 4.95
H021 YKZ D . -3.84 -9.34 2.64
H021 YKZ D . -3.79 -9.34 2.59
H041 YKZ D . -2.72 -12.94 3.10
H041 YKZ D . -2.74 -12.94 3.06
H051 YKZ D . -2.03 -14.42 1.27
H051 YKZ D . -2.08 -14.42 1.24
H061 YKZ D . -2.20 -13.70 -1.06
H061 YKZ D . -2.15 -13.69 -1.09
H121 YKZ D . -2.53 -12.64 -6.70
H121 YKZ D . -2.26 -12.68 -6.71
H232 YKZ D . -5.23 -11.77 5.17
H232 YKZ D . -5.18 -11.85 5.14
H231 YKZ D . -5.35 -12.84 3.69
H231 YKZ D . -5.33 -12.82 3.60
H271 YKZ D . -9.36 -12.48 7.44
H271 YKZ D . -9.07 -12.59 7.47
H272 YKZ D . -8.04 -13.57 7.02
H272 YKZ D . -8.05 -13.86 6.81
H292 YKZ D . -7.28 -13.87 4.78
H292 YKZ D . -7.32 -13.91 4.55
H291 YKZ D . -8.45 -13.39 3.49
H291 YKZ D . -8.50 -13.25 3.35
H281 YKZ D . -9.63 -15.08 6.85
H281 YKZ D . -9.89 -15.03 6.77
H141 YKZ D . -1.61 -10.46 -6.99
H141 YKZ D . -3.31 -15.11 -4.53
H282 YKZ D . -10.13 -14.37 5.52
H282 YKZ D . -10.39 -14.15 5.55
#